data_8ABW
#
_entry.id   8ABW
#
_cell.length_a   69.983
_cell.length_b   69.983
_cell.length_c   85.892
_cell.angle_alpha   90.000
_cell.angle_beta   90.000
_cell.angle_gamma   120.000
#
_symmetry.space_group_name_H-M   'P 3 2 1'
#
loop_
_entity.id
_entity.type
_entity.pdbx_description
1 polymer 'SnoaL-like domain-containing protein'
2 non-polymer 'SULFATE ION'
3 non-polymer (1S,2S)-1,2-bis(3-methoxy-4-oxidanyl-phenyl)propane-1,3-diol
4 non-polymer (1R,2R)-1,2-bis(3-methoxy-4-oxidanyl-phenyl)propane-1,3-diol
5 water water
#
_entity_poly.entity_id   1
_entity_poly.type   'polypeptide(L)'
_entity_poly.pdbx_seq_one_letter_code
;MGSSHHHHHHSSGLVPRGSHMMADVETRLAELEKKVQQLEDVNAIRRLQWAYGYYIDYNRPEEVAGLFAKDGVVVFLSGE
YVGYEGVMRLYGTWFQNRFTGGRRGPVHGLLLDHFQLQDIITVAEDGQTAKGRFRGILAGGWHDEVLHEKPDEVPQQFWE
SGLYENDYVKEDGVWKIKRLDYMMQWQGDYETGWAHTVAHLQPALVCYPENPDGPDRILPQKDVRQTWPHRYEVPMSFAH
PVLGKAFMVENFTPMMMKKEKPA
;
_entity_poly.pdbx_strand_id   A
#
# COMPACT_ATOMS: atom_id res chain seq x y z
N HIS A 20 -1.95 1.69 -48.76
CA HIS A 20 -2.21 3.16 -48.65
C HIS A 20 -3.54 3.37 -47.89
N MET A 21 -4.64 2.84 -48.44
CA MET A 21 -6.01 2.90 -47.84
C MET A 21 -6.11 1.89 -46.68
N MET A 22 -5.74 0.64 -46.92
CA MET A 22 -5.80 -0.47 -45.91
C MET A 22 -4.70 -0.31 -44.84
N ALA A 23 -3.49 0.10 -45.24
CA ALA A 23 -2.30 0.26 -44.35
C ALA A 23 -2.66 1.25 -43.24
N ASP A 24 -3.36 2.31 -43.62
CA ASP A 24 -3.96 3.33 -42.73
C ASP A 24 -4.94 2.62 -41.77
N VAL A 25 -5.95 1.93 -42.30
CA VAL A 25 -6.98 1.25 -41.44
C VAL A 25 -6.27 0.35 -40.42
N GLU A 26 -5.32 -0.47 -40.87
CA GLU A 26 -4.47 -1.32 -39.99
C GLU A 26 -3.87 -0.46 -38.88
N THR A 27 -3.13 0.58 -39.28
CA THR A 27 -2.36 1.49 -38.39
C THR A 27 -3.26 1.93 -37.24
N ARG A 28 -4.42 2.49 -37.59
CA ARG A 28 -5.45 3.01 -36.68
C ARG A 28 -5.92 1.90 -35.70
N LEU A 29 -6.15 0.69 -36.19
CA LEU A 29 -6.67 -0.43 -35.32
C LEU A 29 -5.56 -0.86 -34.37
N ALA A 30 -4.31 -0.97 -34.83
CA ALA A 30 -3.16 -1.22 -33.91
C ALA A 30 -3.07 -0.10 -32.86
N GLU A 31 -3.17 1.16 -33.27
CA GLU A 31 -2.99 2.34 -32.37
C GLU A 31 -4.14 2.35 -31.33
N LEU A 32 -5.35 1.95 -31.72
CA LEU A 32 -6.52 1.90 -30.83
C LEU A 32 -6.41 0.73 -29.85
N GLU A 33 -6.15 -0.47 -30.37
CA GLU A 33 -6.11 -1.68 -29.51
C GLU A 33 -5.10 -1.43 -28.41
N LYS A 34 -4.03 -0.70 -28.74
CA LYS A 34 -2.96 -0.39 -27.77
C LYS A 34 -3.49 0.57 -26.70
N LYS A 35 -4.18 1.63 -27.14
CA LYS A 35 -4.72 2.69 -26.23
C LYS A 35 -5.81 2.08 -25.36
N VAL A 36 -6.71 1.29 -25.94
CA VAL A 36 -7.83 0.66 -25.17
C VAL A 36 -7.29 -0.31 -24.10
N GLN A 37 -6.31 -1.13 -24.45
CA GLN A 37 -5.68 -2.09 -23.51
C GLN A 37 -5.13 -1.32 -22.32
N GLN A 38 -4.47 -0.21 -22.60
CA GLN A 38 -3.92 0.66 -21.54
C GLN A 38 -5.01 1.13 -20.58
N LEU A 39 -6.14 1.61 -21.12
CA LEU A 39 -7.29 2.11 -20.34
C LEU A 39 -7.84 0.97 -19.48
N GLU A 40 -7.95 -0.23 -20.05
CA GLU A 40 -8.39 -1.43 -19.28
C GLU A 40 -7.37 -1.74 -18.19
N ASP A 41 -6.08 -1.69 -18.49
CA ASP A 41 -4.97 -1.96 -17.53
C ASP A 41 -5.06 -1.05 -16.28
N VAL A 42 -5.17 0.26 -16.45
CA VAL A 42 -5.35 1.26 -15.34
C VAL A 42 -6.57 0.86 -14.51
N ASN A 43 -7.70 0.56 -15.13
CA ASN A 43 -8.92 0.13 -14.38
C ASN A 43 -8.61 -1.11 -13.53
N ALA A 44 -7.93 -2.08 -14.13
CA ALA A 44 -7.66 -3.40 -13.52
C ALA A 44 -6.75 -3.23 -12.31
N ILE A 45 -5.74 -2.37 -12.43
CA ILE A 45 -4.71 -2.20 -11.38
C ILE A 45 -5.30 -1.45 -10.21
N ARG A 46 -5.99 -0.33 -10.44
CA ARG A 46 -6.75 0.36 -9.36
C ARG A 46 -7.67 -0.65 -8.67
N ARG A 47 -8.34 -1.48 -9.45
CA ARG A 47 -9.34 -2.46 -8.96
C ARG A 47 -8.62 -3.38 -7.98
N LEU A 48 -7.37 -3.73 -8.23
CA LEU A 48 -6.63 -4.59 -7.26
C LEU A 48 -6.50 -3.86 -5.92
N GLN A 49 -6.05 -2.60 -5.92
CA GLN A 49 -5.87 -1.86 -4.65
C GLN A 49 -7.21 -1.67 -3.92
N TRP A 50 -8.31 -1.35 -4.63
CA TRP A 50 -9.61 -1.08 -3.94
C TRP A 50 -10.14 -2.40 -3.35
N ALA A 51 -9.93 -3.49 -4.05
CA ALA A 51 -10.38 -4.82 -3.61
C ALA A 51 -9.58 -5.22 -2.37
N TYR A 52 -8.25 -5.05 -2.43
CA TYR A 52 -7.34 -5.23 -1.29
C TYR A 52 -7.91 -4.49 -0.09
N GLY A 53 -8.30 -3.23 -0.27
CA GLY A 53 -8.91 -2.44 0.82
C GLY A 53 -10.12 -3.13 1.46
N TYR A 54 -11.10 -3.49 0.66
CA TYR A 54 -12.34 -4.08 1.20
C TYR A 54 -12.04 -5.38 1.95
N TYR A 55 -11.07 -6.17 1.52
CA TYR A 55 -10.68 -7.44 2.17
C TYR A 55 -10.01 -7.14 3.51
N ILE A 56 -9.06 -6.22 3.55
CA ILE A 56 -8.32 -6.00 4.82
C ILE A 56 -9.27 -5.36 5.83
N ASP A 57 -10.34 -4.67 5.41
CA ASP A 57 -11.33 -4.06 6.33
C ASP A 57 -12.07 -5.16 7.07
N TYR A 58 -12.14 -6.35 6.46
CA TYR A 58 -12.89 -7.53 6.96
C TYR A 58 -11.94 -8.58 7.55
N ASN A 59 -10.66 -8.29 7.69
CA ASN A 59 -9.68 -9.25 8.27
C ASN A 59 -9.84 -10.60 7.53
N ARG A 60 -9.76 -10.55 6.21
CA ARG A 60 -9.87 -11.66 5.24
C ARG A 60 -8.53 -11.82 4.52
N PRO A 61 -7.56 -12.47 5.20
CA PRO A 61 -6.22 -12.60 4.67
C PRO A 61 -6.16 -13.50 3.41
N GLU A 62 -7.15 -14.39 3.22
CA GLU A 62 -7.13 -15.40 2.13
C GLU A 62 -7.32 -14.65 0.80
N GLU A 63 -8.32 -13.78 0.75
CA GLU A 63 -8.60 -12.94 -0.43
C GLU A 63 -7.39 -12.05 -0.74
N VAL A 64 -6.70 -11.56 0.28
CA VAL A 64 -5.53 -10.66 0.07
C VAL A 64 -4.40 -11.49 -0.59
N ALA A 65 -4.07 -12.63 0.04
CA ALA A 65 -3.03 -13.55 -0.47
C ALA A 65 -3.33 -13.83 -1.95
N GLY A 66 -4.57 -14.11 -2.30
CA GLY A 66 -4.91 -14.48 -3.69
C GLY A 66 -4.64 -13.36 -4.68
N LEU A 67 -4.51 -12.12 -4.24
CA LEU A 67 -4.26 -11.01 -5.19
C LEU A 67 -2.81 -11.05 -5.68
N PHE A 68 -1.91 -11.77 -5.01
CA PHE A 68 -0.46 -11.67 -5.29
C PHE A 68 -0.02 -12.71 -6.32
N ALA A 69 1.03 -12.37 -7.07
CA ALA A 69 1.83 -13.35 -7.82
C ALA A 69 2.46 -14.30 -6.80
N LYS A 70 2.88 -15.50 -7.21
CA LYS A 70 3.32 -16.53 -6.25
C LYS A 70 4.68 -16.17 -5.68
N ASP A 71 5.44 -15.35 -6.39
CA ASP A 71 6.70 -14.73 -5.88
C ASP A 71 6.41 -13.28 -5.47
N GLY A 72 5.17 -12.93 -5.17
CA GLY A 72 4.84 -11.59 -4.69
C GLY A 72 5.48 -11.30 -3.35
N VAL A 73 5.61 -10.02 -3.00
CA VAL A 73 6.21 -9.55 -1.72
C VAL A 73 5.30 -8.45 -1.15
N VAL A 74 5.03 -8.47 0.14
CA VAL A 74 4.42 -7.30 0.83
C VAL A 74 5.45 -6.77 1.81
N VAL A 75 5.54 -5.45 1.86
CA VAL A 75 6.46 -4.71 2.76
C VAL A 75 5.60 -3.99 3.78
N PHE A 76 5.90 -4.25 5.06
CA PHE A 76 5.25 -3.60 6.21
C PHE A 76 6.31 -3.38 7.29
N LEU A 77 6.39 -2.13 7.76
CA LEU A 77 7.37 -1.65 8.77
C LEU A 77 8.77 -2.14 8.38
N SER A 78 9.09 -2.03 7.08
CA SER A 78 10.44 -2.26 6.49
C SER A 78 10.79 -3.78 6.52
N GLY A 79 9.78 -4.64 6.62
CA GLY A 79 9.91 -6.11 6.52
C GLY A 79 9.25 -6.66 5.28
N GLU A 80 9.96 -7.53 4.58
CA GLU A 80 9.49 -8.28 3.38
C GLU A 80 8.90 -9.64 3.80
N TYR A 81 7.62 -9.84 3.47
CA TYR A 81 6.88 -11.11 3.61
C TYR A 81 6.71 -11.66 2.20
N VAL A 82 7.17 -12.90 1.96
CA VAL A 82 7.35 -13.50 0.60
C VAL A 82 6.27 -14.54 0.33
N GLY A 83 5.56 -14.40 -0.79
CA GLY A 83 4.62 -15.41 -1.30
C GLY A 83 3.34 -15.51 -0.52
N TYR A 84 2.46 -16.38 -0.99
CA TYR A 84 1.17 -16.62 -0.31
C TYR A 84 1.41 -16.79 1.19
N GLU A 85 2.41 -17.59 1.54
CA GLU A 85 2.69 -17.91 2.96
C GLU A 85 3.02 -16.66 3.77
N GLY A 86 3.87 -15.83 3.21
CA GLY A 86 4.29 -14.61 3.91
C GLY A 86 3.14 -13.63 4.03
N VAL A 87 2.31 -13.52 3.00
CA VAL A 87 1.10 -12.65 3.05
C VAL A 87 0.11 -13.19 4.09
N MET A 88 -0.13 -14.49 4.08
CA MET A 88 -1.01 -15.11 5.10
C MET A 88 -0.38 -14.92 6.47
N ARG A 89 0.94 -14.93 6.59
CA ARG A 89 1.58 -14.69 7.90
C ARG A 89 1.34 -13.23 8.36
N LEU A 90 1.53 -12.24 7.50
CA LEU A 90 1.25 -10.83 7.88
C LEU A 90 -0.25 -10.64 8.18
N TYR A 91 -1.14 -10.91 7.25
CA TYR A 91 -2.56 -10.51 7.36
C TYR A 91 -3.33 -11.50 8.24
N GLY A 92 -2.88 -12.74 8.33
CA GLY A 92 -3.56 -13.78 9.11
C GLY A 92 -2.94 -13.97 10.47
N THR A 93 -1.76 -14.58 10.52
CA THR A 93 -1.12 -14.95 11.79
C THR A 93 -0.95 -13.69 12.65
N TRP A 94 -0.47 -12.59 12.07
CA TRP A 94 -0.29 -11.36 12.85
C TRP A 94 -1.66 -10.64 12.90
N PHE A 95 -2.05 -9.92 11.84
CA PHE A 95 -3.18 -8.94 11.90
C PHE A 95 -4.50 -9.62 12.36
N GLN A 96 -4.89 -10.77 11.82
CA GLN A 96 -6.24 -11.33 12.09
C GLN A 96 -6.37 -11.76 13.55
N ASN A 97 -5.31 -12.35 14.11
CA ASN A 97 -5.26 -12.73 15.54
C ASN A 97 -5.25 -11.44 16.37
N ARG A 98 -4.50 -10.42 15.95
CA ARG A 98 -4.42 -9.16 16.73
C ARG A 98 -5.83 -8.55 16.82
N PHE A 99 -6.57 -8.44 15.71
CA PHE A 99 -7.79 -7.61 15.67
C PHE A 99 -9.08 -8.42 15.91
N THR A 100 -9.15 -9.68 15.45
CA THR A 100 -10.39 -10.49 15.57
C THR A 100 -10.15 -11.76 16.38
N GLY A 101 -8.97 -11.94 16.98
CA GLY A 101 -8.58 -13.23 17.56
C GLY A 101 -8.75 -14.37 16.56
N GLY A 102 -8.48 -14.12 15.28
CA GLY A 102 -8.45 -15.19 14.27
C GLY A 102 -9.79 -15.53 13.66
N ARG A 103 -10.76 -14.61 13.62
CA ARG A 103 -12.02 -14.83 12.88
C ARG A 103 -12.00 -13.96 11.62
N ARG A 104 -12.53 -14.48 10.51
CA ARG A 104 -12.82 -13.66 9.33
C ARG A 104 -13.89 -12.65 9.78
N GLY A 105 -13.67 -11.38 9.49
CA GLY A 105 -14.57 -10.30 9.88
C GLY A 105 -15.65 -10.10 8.82
N PRO A 106 -16.50 -9.09 9.01
CA PRO A 106 -16.38 -8.17 10.13
C PRO A 106 -16.96 -8.83 11.39
N VAL A 107 -16.60 -8.33 12.56
CA VAL A 107 -17.12 -8.87 13.84
C VAL A 107 -17.63 -7.71 14.67
N HIS A 108 -18.51 -8.03 15.61
CA HIS A 108 -19.10 -7.09 16.58
C HIS A 108 -18.03 -6.11 17.10
N GLY A 109 -18.31 -4.81 17.05
CA GLY A 109 -17.54 -3.77 17.77
C GLY A 109 -16.15 -3.54 17.21
N LEU A 110 -15.78 -4.16 16.11
CA LEU A 110 -14.38 -4.03 15.64
C LEU A 110 -14.36 -3.27 14.31
N LEU A 111 -13.71 -2.12 14.35
CA LEU A 111 -13.62 -1.21 13.21
C LEU A 111 -12.20 -1.29 12.66
N LEU A 112 -12.06 -1.48 11.35
CA LEU A 112 -10.74 -1.40 10.69
C LEU A 112 -10.91 -0.91 9.26
N ASP A 113 -11.45 0.30 9.09
CA ASP A 113 -11.80 0.89 7.78
C ASP A 113 -10.56 1.59 7.21
N HIS A 114 -9.93 0.99 6.20
CA HIS A 114 -8.75 1.55 5.49
C HIS A 114 -9.24 2.28 4.24
N PHE A 115 -9.67 3.53 4.35
CA PHE A 115 -10.23 4.24 3.16
C PHE A 115 -9.12 4.41 2.13
N GLN A 116 -9.35 3.91 0.91
CA GLN A 116 -8.34 3.85 -0.17
C GLN A 116 -8.64 4.95 -1.19
N LEU A 117 -7.62 5.70 -1.60
CA LEU A 117 -7.76 6.77 -2.60
C LEU A 117 -6.46 7.21 -3.31
N GLN A 118 -6.65 8.11 -4.28
CA GLN A 118 -5.65 8.99 -4.93
C GLN A 118 -4.63 8.12 -5.66
N ASP A 119 -5.14 7.22 -6.49
CA ASP A 119 -4.35 6.30 -7.37
C ASP A 119 -3.69 7.10 -8.48
N ILE A 120 -2.40 6.89 -8.66
CA ILE A 120 -1.66 7.34 -9.86
C ILE A 120 -0.88 6.14 -10.40
N ILE A 121 -1.33 5.59 -11.52
CA ILE A 121 -0.86 4.30 -12.08
C ILE A 121 -0.02 4.61 -13.33
N THR A 122 1.14 4.00 -13.44
CA THR A 122 2.04 4.18 -14.59
C THR A 122 2.25 2.79 -15.17
N VAL A 123 1.59 2.47 -16.30
CA VAL A 123 1.78 1.15 -17.01
C VAL A 123 3.04 1.19 -17.89
N ALA A 124 3.89 0.16 -17.81
CA ALA A 124 5.05 0.01 -18.69
C ALA A 124 4.56 0.12 -20.14
N GLU A 125 5.43 0.63 -21.02
CA GLU A 125 5.15 0.73 -22.48
C GLU A 125 4.74 -0.66 -23.04
N ASP A 126 5.35 -1.74 -22.59
CA ASP A 126 5.08 -3.11 -23.13
C ASP A 126 3.84 -3.73 -22.50
N GLY A 127 3.29 -3.13 -21.45
CA GLY A 127 2.02 -3.61 -20.89
C GLY A 127 2.15 -4.94 -20.15
N GLN A 128 3.37 -5.29 -19.66
CA GLN A 128 3.54 -6.51 -18.81
C GLN A 128 3.83 -6.18 -17.32
N THR A 129 4.14 -4.92 -16.97
CA THR A 129 4.37 -4.50 -15.56
C THR A 129 3.78 -3.09 -15.39
N ALA A 130 3.56 -2.67 -14.16
CA ALA A 130 3.07 -1.31 -13.81
C ALA A 130 3.56 -0.97 -12.42
N LYS A 131 3.51 0.32 -12.11
CA LYS A 131 3.66 0.90 -10.77
C LYS A 131 2.34 1.60 -10.43
N GLY A 132 2.10 1.79 -9.14
CA GLY A 132 0.95 2.56 -8.67
C GLY A 132 1.26 3.22 -7.35
N ARG A 133 1.00 4.54 -7.25
CA ARG A 133 0.97 5.25 -5.97
C ARG A 133 -0.49 5.28 -5.51
N PHE A 134 -0.71 4.99 -4.23
CA PHE A 134 -2.05 5.08 -3.61
C PHE A 134 -1.81 5.54 -2.19
N ARG A 135 -2.88 5.80 -1.48
CA ARG A 135 -2.78 6.09 -0.05
C ARG A 135 -4.01 5.50 0.63
N GLY A 136 -3.91 5.39 1.96
CA GLY A 136 -5.05 4.97 2.79
C GLY A 136 -5.13 5.81 4.02
N ILE A 137 -6.34 6.07 4.46
CA ILE A 137 -6.53 6.55 5.85
C ILE A 137 -7.41 5.55 6.59
N LEU A 138 -6.92 5.13 7.72
CA LEU A 138 -7.51 4.05 8.55
C LEU A 138 -8.21 4.72 9.77
N ALA A 139 -9.51 4.47 9.94
CA ALA A 139 -10.26 4.62 11.21
C ALA A 139 -10.34 3.23 11.86
N GLY A 140 -9.67 3.04 13.01
CA GLY A 140 -9.53 1.71 13.65
C GLY A 140 -9.94 1.70 15.08
N GLY A 141 -10.45 0.55 15.59
CA GLY A 141 -10.73 0.45 17.02
C GLY A 141 -11.70 -0.63 17.47
N TRP A 142 -11.76 -0.76 18.80
CA TRP A 142 -12.67 -1.64 19.54
C TRP A 142 -13.70 -0.78 20.22
N HIS A 143 -14.98 -1.01 19.95
CA HIS A 143 -16.05 -0.39 20.74
C HIS A 143 -15.87 -0.82 22.20
N ASP A 144 -16.33 -0.02 23.15
CA ASP A 144 -16.36 -0.40 24.58
C ASP A 144 -16.90 -1.82 24.80
N GLU A 145 -17.88 -2.27 24.01
CA GLU A 145 -18.54 -3.58 24.19
C GLU A 145 -17.52 -4.70 23.94
N VAL A 146 -16.46 -4.48 23.14
CA VAL A 146 -15.46 -5.55 22.83
C VAL A 146 -14.05 -5.16 23.27
N LEU A 147 -13.97 -4.19 24.17
CA LEU A 147 -12.69 -3.60 24.62
C LEU A 147 -11.87 -4.65 25.35
N HIS A 148 -12.53 -5.61 26.01
CA HIS A 148 -11.86 -6.75 26.67
C HIS A 148 -11.11 -7.63 25.68
N GLU A 149 -11.39 -7.58 24.37
CA GLU A 149 -10.66 -8.36 23.34
C GLU A 149 -9.40 -7.64 22.81
N LYS A 150 -9.16 -6.38 23.18
CA LYS A 150 -8.10 -5.56 22.56
C LYS A 150 -6.77 -5.94 23.20
N PRO A 151 -5.65 -6.12 22.47
CA PRO A 151 -4.36 -6.26 23.14
C PRO A 151 -3.87 -4.95 23.75
N ASP A 152 -2.96 -5.07 24.73
CA ASP A 152 -2.49 -3.97 25.60
C ASP A 152 -1.65 -2.99 24.80
N GLU A 153 -0.97 -3.44 23.77
CA GLU A 153 0.05 -2.57 23.12
C GLU A 153 -0.62 -1.72 22.03
N VAL A 154 -1.94 -1.44 22.13
CA VAL A 154 -2.70 -0.78 21.03
C VAL A 154 -3.77 0.15 21.62
N PRO A 155 -3.89 1.38 21.08
CA PRO A 155 -4.91 2.32 21.54
C PRO A 155 -6.31 1.80 21.19
N GLN A 156 -7.28 2.16 22.00
CA GLN A 156 -8.65 1.65 21.84
C GLN A 156 -9.17 2.14 20.49
N GLN A 157 -8.87 3.39 20.11
CA GLN A 157 -9.35 3.95 18.84
C GLN A 157 -8.29 4.92 18.30
N PHE A 158 -8.04 4.83 17.01
CA PHE A 158 -6.97 5.66 16.42
C PHE A 158 -7.27 5.91 14.95
N TRP A 159 -6.60 6.96 14.47
CA TRP A 159 -6.40 7.26 13.03
C TRP A 159 -5.02 6.76 12.63
N GLU A 160 -4.86 6.32 11.38
CA GLU A 160 -3.55 6.07 10.76
C GLU A 160 -3.58 6.46 9.29
N SER A 161 -2.49 6.92 8.74
CA SER A 161 -2.43 7.06 7.26
C SER A 161 -1.07 6.57 6.76
N GLY A 162 -1.07 6.12 5.52
CA GLY A 162 0.09 5.55 4.85
C GLY A 162 0.01 5.75 3.36
N LEU A 163 1.18 5.70 2.74
CA LEU A 163 1.36 5.72 1.27
C LEU A 163 1.75 4.33 0.77
N TYR A 164 1.28 3.97 -0.42
CA TYR A 164 1.67 2.74 -1.14
C TYR A 164 2.42 3.18 -2.40
N GLU A 165 3.58 2.58 -2.69
CA GLU A 165 4.19 2.58 -4.04
C GLU A 165 4.39 1.10 -4.39
N ASN A 166 3.46 0.57 -5.17
CA ASN A 166 3.31 -0.87 -5.47
C ASN A 166 3.84 -1.19 -6.88
N ASP A 167 4.24 -2.44 -7.09
CA ASP A 167 4.57 -3.00 -8.41
C ASP A 167 3.54 -4.05 -8.78
N TYR A 168 3.19 -4.10 -10.07
CA TYR A 168 2.19 -5.00 -10.69
C TYR A 168 2.90 -5.75 -11.84
N VAL A 169 2.45 -6.99 -12.03
CA VAL A 169 2.91 -7.90 -13.08
C VAL A 169 1.65 -8.45 -13.77
N LYS A 170 1.60 -8.34 -15.10
CA LYS A 170 0.57 -8.99 -15.95
C LYS A 170 1.06 -10.39 -16.22
N GLU A 171 0.53 -11.35 -15.50
CA GLU A 171 1.06 -12.71 -15.51
C GLU A 171 0.00 -13.54 -16.22
N ASP A 172 0.35 -13.99 -17.43
CA ASP A 172 -0.61 -14.77 -18.24
C ASP A 172 -1.89 -13.86 -18.34
N GLY A 173 -1.61 -12.67 -18.91
CA GLY A 173 -2.64 -11.66 -19.21
C GLY A 173 -3.46 -11.22 -18.00
N VAL A 174 -3.05 -11.56 -16.77
CA VAL A 174 -3.86 -11.24 -15.55
C VAL A 174 -3.04 -10.37 -14.62
N TRP A 175 -3.54 -9.18 -14.30
CA TRP A 175 -2.84 -8.24 -13.40
C TRP A 175 -2.88 -8.79 -11.98
N LYS A 176 -1.68 -8.81 -11.38
CA LYS A 176 -1.44 -9.24 -10.00
C LYS A 176 -0.47 -8.27 -9.32
N ILE A 177 -0.47 -8.37 -8.00
CA ILE A 177 0.43 -7.58 -7.15
C ILE A 177 1.75 -8.33 -7.16
N LYS A 178 2.78 -7.62 -7.60
CA LYS A 178 4.16 -8.09 -7.52
C LYS A 178 4.72 -7.68 -6.17
N ARG A 179 4.46 -6.46 -5.77
CA ARG A 179 5.04 -5.85 -4.56
C ARG A 179 4.04 -4.86 -4.02
N LEU A 180 3.56 -5.11 -2.81
CA LEU A 180 2.73 -4.12 -2.08
C LEU A 180 3.62 -3.54 -0.97
N ASP A 181 3.90 -2.25 -1.04
CA ASP A 181 4.83 -1.58 -0.11
C ASP A 181 4.05 -0.47 0.58
N TYR A 182 3.46 -0.81 1.73
CA TYR A 182 2.77 0.12 2.65
C TYR A 182 3.81 0.76 3.55
N MET A 183 3.92 2.08 3.40
CA MET A 183 4.74 2.96 4.25
C MET A 183 3.83 3.84 5.13
N MET A 184 3.66 3.44 6.39
CA MET A 184 2.86 4.22 7.37
C MET A 184 3.48 5.60 7.58
N GLN A 185 2.66 6.66 7.53
CA GLN A 185 3.17 8.04 7.56
C GLN A 185 2.90 8.64 8.93
N TRP A 186 1.74 8.33 9.53
CA TRP A 186 1.36 8.88 10.84
C TRP A 186 0.25 8.06 11.49
N GLN A 187 0.21 8.12 12.80
CA GLN A 187 -0.93 7.60 13.62
C GLN A 187 -1.30 8.69 14.59
N GLY A 188 -2.56 8.71 15.03
CA GLY A 188 -3.08 9.56 16.13
C GLY A 188 -4.11 8.79 16.92
N ASP A 189 -3.93 8.68 18.22
CA ASP A 189 -5.00 8.24 19.12
C ASP A 189 -6.17 9.17 18.88
N TYR A 190 -7.38 8.64 18.80
CA TYR A 190 -8.56 9.48 18.51
C TYR A 190 -8.58 10.68 19.48
N GLU A 191 -8.31 10.41 20.76
CA GLU A 191 -8.48 11.38 21.87
C GLU A 191 -7.39 12.45 21.82
N THR A 192 -6.21 12.24 21.26
CA THR A 192 -5.13 13.24 21.30
C THR A 192 -4.75 13.73 19.91
N GLY A 193 -4.99 12.94 18.88
CA GLY A 193 -4.63 13.29 17.49
C GLY A 193 -3.15 13.11 17.18
N TRP A 194 -2.82 13.25 15.90
CA TRP A 194 -1.46 13.02 15.36
C TRP A 194 -0.42 13.88 16.07
N ALA A 195 -0.76 15.06 16.56
CA ALA A 195 0.25 16.01 17.07
C ALA A 195 0.77 15.52 18.42
N HIS A 196 0.00 14.72 19.16
CA HIS A 196 0.38 14.34 20.54
C HIS A 196 0.60 12.84 20.64
N THR A 197 0.69 12.16 19.51
CA THR A 197 0.78 10.69 19.43
C THR A 197 2.10 10.28 18.75
N VAL A 198 2.89 9.39 19.38
CA VAL A 198 4.04 8.64 18.78
C VAL A 198 3.50 7.35 18.17
N ALA A 199 3.98 6.95 17.01
CA ALA A 199 3.58 5.67 16.37
C ALA A 199 3.67 4.52 17.41
N HIS A 200 2.65 3.67 17.51
CA HIS A 200 2.68 2.45 18.37
C HIS A 200 3.25 1.27 17.56
N LEU A 201 3.65 1.49 16.30
CA LEU A 201 4.41 0.53 15.45
C LEU A 201 5.80 1.11 15.13
N GLN A 202 6.84 0.27 15.21
CA GLN A 202 8.27 0.61 14.99
C GLN A 202 8.82 -0.23 13.85
N PRO A 203 9.93 0.17 13.19
CA PRO A 203 10.53 -0.68 12.17
C PRO A 203 10.70 -2.11 12.70
N ALA A 204 10.35 -3.09 11.87
CA ALA A 204 10.56 -4.55 12.13
C ALA A 204 12.01 -4.75 12.61
N LEU A 205 12.21 -5.67 13.54
CA LEU A 205 13.54 -6.02 14.09
C LEU A 205 13.84 -7.52 13.91
N VAL A 206 12.88 -8.41 14.21
CA VAL A 206 13.11 -9.89 14.25
C VAL A 206 12.32 -10.55 13.12
N CYS A 207 13.01 -11.36 12.32
CA CYS A 207 12.47 -12.14 11.18
C CYS A 207 11.84 -13.44 11.67
N TYR A 208 10.90 -13.95 10.87
CA TYR A 208 10.48 -15.37 10.80
C TYR A 208 11.74 -16.15 10.46
N PRO A 209 11.97 -17.35 11.04
CA PRO A 209 11.04 -17.99 11.96
C PRO A 209 11.21 -17.61 13.44
N GLU A 210 12.30 -16.95 13.83
CA GLU A 210 12.49 -16.45 15.22
C GLU A 210 11.19 -15.77 15.69
N ASN A 211 10.70 -14.79 14.93
CA ASN A 211 9.44 -14.09 15.21
C ASN A 211 8.34 -14.69 14.34
N PRO A 212 7.32 -15.36 14.94
CA PRO A 212 6.19 -15.90 14.16
C PRO A 212 5.38 -14.88 13.37
N ASP A 213 5.40 -13.61 13.75
CA ASP A 213 4.69 -12.52 13.03
C ASP A 213 5.64 -11.78 12.09
N GLY A 214 6.88 -12.22 12.06
CA GLY A 214 7.96 -11.44 11.47
C GLY A 214 8.05 -11.65 9.97
N PRO A 215 8.76 -10.75 9.29
CA PRO A 215 8.96 -10.84 7.85
C PRO A 215 10.02 -11.91 7.53
N ASP A 216 10.09 -12.34 6.26
CA ASP A 216 11.17 -13.23 5.77
C ASP A 216 12.49 -12.46 5.79
N ARG A 217 12.48 -11.18 5.43
CA ARG A 217 13.74 -10.39 5.34
C ARG A 217 13.46 -8.98 5.81
N ILE A 218 14.47 -8.30 6.34
CA ILE A 218 14.31 -6.85 6.67
C ILE A 218 15.06 -6.11 5.57
N LEU A 219 14.54 -4.96 5.15
CA LEU A 219 15.13 -4.12 4.08
C LEU A 219 16.56 -3.81 4.47
N PRO A 220 17.45 -3.47 3.51
CA PRO A 220 18.78 -2.98 3.87
C PRO A 220 18.65 -1.89 4.96
N GLN A 221 19.66 -1.82 5.81
CA GLN A 221 19.79 -0.89 6.97
C GLN A 221 19.46 0.54 6.53
N LYS A 222 20.07 1.02 5.44
CA LYS A 222 19.94 2.39 4.89
C LYS A 222 18.47 2.75 4.68
N ASP A 223 17.70 1.81 4.12
CA ASP A 223 16.28 1.90 3.66
C ASP A 223 15.25 1.71 4.80
N VAL A 224 15.66 1.37 6.02
CA VAL A 224 14.69 1.18 7.14
C VAL A 224 14.03 2.53 7.49
N ARG A 225 12.70 2.57 7.50
CA ARG A 225 11.93 3.80 7.83
C ARG A 225 11.69 3.83 9.35
N GLN A 226 12.17 4.85 10.06
CA GLN A 226 11.67 5.17 11.42
C GLN A 226 10.26 5.72 11.29
N THR A 227 9.45 5.62 12.33
CA THR A 227 8.01 5.93 12.22
C THR A 227 7.70 7.32 12.81
N TRP A 228 6.49 7.81 12.50
CA TRP A 228 5.91 9.11 12.99
C TRP A 228 6.26 9.33 14.44
N PRO A 229 6.81 10.49 14.86
CA PRO A 229 6.96 11.69 14.04
C PRO A 229 8.07 11.83 12.99
N HIS A 230 8.98 10.86 12.90
CA HIS A 230 10.01 10.86 11.83
C HIS A 230 9.30 10.85 10.49
N ARG A 231 9.79 11.58 9.50
CA ARG A 231 9.22 11.54 8.13
C ARG A 231 10.34 11.25 7.14
N TYR A 232 10.04 10.56 6.06
CA TYR A 232 10.97 10.31 4.95
C TYR A 232 10.15 10.39 3.67
N GLU A 233 10.74 10.97 2.64
CA GLU A 233 10.12 11.06 1.30
C GLU A 233 9.86 9.65 0.80
N VAL A 234 8.66 9.45 0.31
CA VAL A 234 8.30 8.30 -0.56
C VAL A 234 8.34 8.82 -1.99
N PRO A 235 9.44 8.55 -2.75
CA PRO A 235 9.62 9.17 -4.07
C PRO A 235 8.45 8.76 -4.99
N MET A 236 8.06 9.66 -5.91
CA MET A 236 6.88 9.47 -6.77
C MET A 236 7.27 8.43 -7.83
N SER A 237 6.48 7.37 -8.03
CA SER A 237 6.64 6.42 -9.16
C SER A 237 6.31 7.10 -10.48
N PHE A 238 5.58 8.20 -10.48
CA PHE A 238 5.01 8.83 -11.69
C PHE A 238 5.84 10.06 -12.08
N ALA A 239 6.00 10.27 -13.39
CA ALA A 239 6.76 11.43 -13.92
C ALA A 239 5.89 12.69 -13.80
N HIS A 240 6.49 13.87 -13.78
CA HIS A 240 5.71 15.11 -13.69
C HIS A 240 4.71 15.03 -14.82
N PRO A 241 3.39 15.12 -14.58
CA PRO A 241 2.43 14.81 -15.64
C PRO A 241 2.23 15.90 -16.73
N VAL A 242 2.91 17.04 -16.59
CA VAL A 242 2.92 18.09 -17.66
C VAL A 242 4.30 18.14 -18.33
N LEU A 243 5.38 18.33 -17.56
CA LEU A 243 6.75 18.61 -18.07
C LEU A 243 7.55 17.31 -18.19
N GLY A 244 7.08 16.25 -17.55
CA GLY A 244 7.77 14.96 -17.58
C GLY A 244 9.23 15.08 -17.15
N LYS A 245 10.09 14.39 -17.89
CA LYS A 245 11.57 14.45 -17.81
C LYS A 245 12.11 15.88 -17.99
N ALA A 246 11.37 16.76 -18.66
CA ALA A 246 11.75 18.18 -18.78
C ALA A 246 11.59 18.94 -17.44
N PHE A 247 10.89 18.39 -16.44
CA PHE A 247 10.71 19.08 -15.13
C PHE A 247 12.05 19.13 -14.40
N MET A 248 12.44 20.31 -13.92
CA MET A 248 13.59 20.57 -13.02
C MET A 248 13.19 21.56 -11.94
N VAL A 249 13.45 21.22 -10.70
CA VAL A 249 13.10 22.03 -9.53
C VAL A 249 13.74 23.39 -9.67
N GLU A 250 15.03 23.42 -10.03
CA GLU A 250 15.82 24.68 -9.94
C GLU A 250 15.35 25.69 -11.00
N ASN A 251 14.52 25.30 -11.97
CA ASN A 251 13.91 26.27 -12.92
C ASN A 251 12.77 27.08 -12.22
N PHE A 252 12.29 26.66 -11.06
CA PHE A 252 11.14 27.30 -10.38
C PHE A 252 11.53 27.95 -9.04
N THR A 253 12.47 27.35 -8.30
CA THR A 253 12.86 27.75 -6.94
C THR A 253 13.18 29.24 -6.88
N PRO A 254 13.91 29.81 -7.86
CA PRO A 254 14.33 31.19 -7.77
C PRO A 254 13.12 32.14 -7.75
N MET A 255 11.95 31.70 -8.20
CA MET A 255 10.76 32.58 -8.27
C MET A 255 10.16 32.82 -6.85
N MET A 256 10.37 31.93 -5.90
CA MET A 256 9.87 32.16 -4.52
C MET A 256 10.95 32.89 -3.70
N MET A 257 10.58 33.40 -2.51
CA MET A 257 11.55 33.96 -1.54
C MET A 257 11.58 33.12 -0.27
N LYS A 258 12.76 32.64 0.14
CA LYS A 258 12.95 31.94 1.44
C LYS A 258 12.97 33.01 2.53
N LYS A 259 12.26 32.83 3.65
CA LYS A 259 12.21 33.82 4.78
C LYS A 259 12.98 33.24 6.00
N GLU A 260 13.56 34.09 6.85
CA GLU A 260 14.68 33.67 7.74
C GLU A 260 14.16 32.93 8.98
N LYS A 261 12.97 33.25 9.51
CA LYS A 261 12.35 32.41 10.58
C LYS A 261 11.66 31.20 9.93
#